data_4UID
#
_entry.id   4UID
#
_cell.length_a   110.367
_cell.length_b   110.367
_cell.length_c   87.143
_cell.angle_alpha   90.00
_cell.angle_beta   90.00
_cell.angle_gamma   90.00
#
_symmetry.space_group_name_H-M   'P 41 21 2'
#
loop_
_entity.id
_entity.type
_entity.pdbx_description
1 polymer 'SURFACE LAYER PROTEIN'
2 water water
#
_entity_poly.entity_id   1
_entity_poly.type   'polypeptide(L)'
_entity_poly.pdbx_seq_one_letter_code
;DEKAAEVSELKLTKDNKEVVTLYANGNAFDKDGNQISSGTLTLTAKFKDQYGNELTGKVAGTDYTFESLNPEVLVVAPDG
SVTPIVPGTALVKVKYGEVTKTIPVTVKANPVLETIAVDSTGVSVAKGQKATFKVTLKDQYGNKFTGNVNVTSDKTETAT
VSVSNSGIGQSEYTVTVNGVAEGSTTITIKSGTKEVKVPVNVVAGGPV
;
_entity_poly.pdbx_strand_id   A,B
#
# COMPACT_ATOMS: atom_id res chain seq x y z
N ALA A 5 15.54 -42.98 -0.41
CA ALA A 5 16.35 -41.76 -0.21
C ALA A 5 16.33 -41.19 1.30
N GLU A 6 16.65 -39.89 1.49
CA GLU A 6 16.64 -39.15 2.80
C GLU A 6 16.66 -37.63 2.50
N VAL A 7 15.89 -36.81 3.22
CA VAL A 7 15.85 -35.35 2.91
C VAL A 7 16.88 -34.59 3.73
N SER A 8 17.89 -34.04 3.06
CA SER A 8 19.08 -33.42 3.68
C SER A 8 19.06 -31.89 3.82
N GLU A 9 18.16 -31.23 3.06
CA GLU A 9 17.96 -29.76 3.10
C GLU A 9 16.54 -29.40 2.66
N LEU A 10 15.92 -28.47 3.39
CA LEU A 10 14.67 -27.84 2.96
C LEU A 10 14.65 -26.37 3.39
N LYS A 11 15.08 -25.51 2.48
CA LYS A 11 15.17 -24.07 2.73
C LYS A 11 14.29 -23.30 1.77
N LEU A 12 13.86 -22.13 2.20
CA LEU A 12 13.22 -21.16 1.33
C LEU A 12 14.29 -20.25 0.74
N THR A 13 14.24 -20.00 -0.58
CA THR A 13 15.29 -19.25 -1.27
C THR A 13 14.82 -18.30 -2.37
N LYS A 14 15.72 -17.40 -2.75
CA LYS A 14 15.63 -16.58 -3.94
C LYS A 14 17.08 -16.28 -4.24
N ASP A 15 17.54 -16.66 -5.44
CA ASP A 15 18.90 -16.35 -5.93
C ASP A 15 19.98 -16.89 -4.96
N ASN A 16 19.82 -18.17 -4.58
CA ASN A 16 20.74 -18.88 -3.68
C ASN A 16 20.85 -18.38 -2.23
N LYS A 17 20.14 -17.30 -1.92
CA LYS A 17 20.10 -16.75 -0.56
C LYS A 17 18.95 -17.37 0.22
N GLU A 18 19.17 -17.68 1.50
CA GLU A 18 18.08 -18.13 2.37
C GLU A 18 17.23 -16.94 2.83
N VAL A 19 15.91 -17.14 2.77
CA VAL A 19 14.94 -16.10 3.14
C VAL A 19 14.53 -16.16 4.62
N VAL A 20 14.87 -15.07 5.32
CA VAL A 20 14.58 -14.91 6.76
C VAL A 20 13.28 -14.09 6.97
N THR A 21 12.96 -13.19 6.04
CA THR A 21 11.76 -12.36 6.15
C THR A 21 11.00 -12.34 4.84
N LEU A 22 9.70 -12.61 4.90
CA LEU A 22 8.85 -12.59 3.74
C LEU A 22 7.53 -11.87 3.97
N TYR A 23 7.27 -10.83 3.19
CA TYR A 23 6.03 -10.06 3.33
C TYR A 23 4.91 -10.57 2.45
N ALA A 24 3.69 -10.16 2.75
CA ALA A 24 2.53 -10.56 1.93
C ALA A 24 2.70 -10.15 0.48
N ASN A 25 3.42 -9.06 0.24
CA ASN A 25 3.64 -8.52 -1.10
C ASN A 25 4.67 -9.28 -1.93
N GLY A 26 5.23 -10.36 -1.40
CA GLY A 26 6.25 -11.11 -2.11
C GLY A 26 7.70 -10.69 -1.89
N ASN A 27 7.94 -9.52 -1.28
CA ASN A 27 9.32 -9.10 -0.92
C ASN A 27 10.03 -9.97 0.11
N ALA A 28 11.33 -10.14 -0.08
CA ALA A 28 12.09 -11.11 0.68
C ALA A 28 13.47 -10.60 1.12
N PHE A 29 13.92 -11.08 2.28
CA PHE A 29 15.09 -10.53 2.96
C PHE A 29 15.99 -11.63 3.51
N ASP A 30 17.31 -11.43 3.34
CA ASP A 30 18.37 -12.28 3.94
C ASP A 30 18.56 -12.06 5.47
N LYS A 31 19.67 -12.54 6.03
CA LYS A 31 20.02 -12.38 7.48
C LYS A 31 20.19 -10.93 7.91
N ASP A 32 20.76 -10.12 7.02
CA ASP A 32 21.11 -8.71 7.29
C ASP A 32 19.92 -7.77 7.14
N GLY A 33 18.86 -8.25 6.51
CA GLY A 33 17.69 -7.44 6.20
C GLY A 33 17.91 -6.66 4.91
N ASN A 34 18.88 -7.09 4.10
CA ASN A 34 19.03 -6.61 2.74
C ASN A 34 18.11 -7.37 1.80
N GLN A 35 17.31 -6.64 1.02
CA GLN A 35 16.31 -7.24 0.13
C GLN A 35 16.94 -7.99 -1.02
N ILE A 36 16.35 -9.14 -1.34
CA ILE A 36 16.72 -9.91 -2.54
C ILE A 36 15.79 -9.54 -3.71
N SER A 37 16.38 -9.09 -4.81
CA SER A 37 15.64 -8.68 -6.00
C SER A 37 15.94 -9.58 -7.20
N SER A 38 17.09 -10.24 -7.16
CA SER A 38 17.44 -11.24 -8.14
C SER A 38 16.72 -12.57 -7.87
N GLY A 39 16.51 -13.34 -8.92
CA GLY A 39 15.95 -14.68 -8.82
C GLY A 39 14.44 -14.69 -8.69
N THR A 40 13.89 -15.90 -8.71
CA THR A 40 12.48 -16.12 -8.39
C THR A 40 12.47 -16.76 -7.01
N LEU A 41 11.35 -16.60 -6.31
CA LEU A 41 11.17 -17.19 -4.98
C LEU A 41 10.75 -18.66 -5.05
N THR A 42 11.53 -19.48 -4.37
CA THR A 42 11.36 -20.92 -4.40
C THR A 42 11.65 -21.60 -3.06
N LEU A 43 11.33 -22.88 -2.95
CA LEU A 43 11.94 -23.75 -1.96
C LEU A 43 12.99 -24.60 -2.67
N THR A 44 14.16 -24.76 -2.04
CA THR A 44 15.20 -25.65 -2.55
C THR A 44 15.17 -26.89 -1.65
N ALA A 45 15.57 -28.02 -2.23
CA ALA A 45 15.64 -29.31 -1.53
C ALA A 45 16.77 -30.19 -2.07
N LYS A 46 17.54 -30.75 -1.14
CA LYS A 46 18.59 -31.71 -1.45
C LYS A 46 18.27 -33.00 -0.73
N PHE A 47 18.76 -34.11 -1.31
CA PHE A 47 18.47 -35.46 -0.81
C PHE A 47 19.72 -36.34 -0.87
N LYS A 48 19.75 -37.32 0.03
CA LYS A 48 20.77 -38.39 0.03
C LYS A 48 20.12 -39.76 -0.18
N ASP A 49 20.89 -40.75 -0.64
CA ASP A 49 20.42 -42.13 -0.67
C ASP A 49 20.65 -42.83 0.68
N GLN A 50 20.27 -44.11 0.72
CA GLN A 50 20.42 -44.99 1.90
C GLN A 50 21.87 -45.19 2.40
N TYR A 51 22.86 -44.76 1.61
CA TYR A 51 24.29 -44.77 1.96
C TYR A 51 24.90 -43.37 2.10
N GLY A 52 24.06 -42.35 2.11
CA GLY A 52 24.51 -40.95 2.27
C GLY A 52 25.20 -40.31 1.07
N ASN A 53 24.77 -40.69 -0.13
CA ASN A 53 25.27 -40.09 -1.37
C ASN A 53 24.29 -39.05 -1.86
N GLU A 54 24.80 -37.82 -2.03
CA GLU A 54 24.01 -36.69 -2.56
C GLU A 54 23.60 -37.01 -4.00
N LEU A 55 22.33 -37.41 -4.16
CA LEU A 55 21.70 -37.68 -5.46
C LEU A 55 21.77 -36.45 -6.39
N THR A 56 22.41 -36.60 -7.55
CA THR A 56 22.68 -35.45 -8.44
C THR A 56 21.86 -35.44 -9.74
N GLY A 57 21.93 -34.32 -10.47
CA GLY A 57 21.23 -34.14 -11.76
C GLY A 57 19.74 -34.47 -11.67
N LYS A 58 19.13 -34.04 -10.57
CA LYS A 58 17.71 -34.30 -10.25
C LYS A 58 16.79 -33.14 -10.62
N VAL A 59 15.56 -33.48 -11.00
CA VAL A 59 14.59 -32.52 -11.60
C VAL A 59 13.41 -32.24 -10.66
N ALA A 60 13.37 -30.98 -10.17
CA ALA A 60 12.31 -30.47 -9.30
C ALA A 60 10.98 -30.32 -10.06
N GLY A 61 9.96 -31.04 -9.60
CA GLY A 61 8.72 -31.19 -10.36
C GLY A 61 8.56 -32.62 -10.84
N THR A 62 9.62 -33.19 -11.42
CA THR A 62 9.61 -34.60 -11.91
C THR A 62 9.98 -35.66 -10.82
N ASP A 63 11.26 -35.72 -10.43
CA ASP A 63 11.72 -36.63 -9.37
C ASP A 63 11.08 -36.33 -8.03
N TYR A 64 10.93 -35.03 -7.72
CA TYR A 64 10.32 -34.58 -6.46
C TYR A 64 9.31 -33.42 -6.60
N THR A 65 8.24 -33.48 -5.79
CA THR A 65 7.15 -32.48 -5.80
C THR A 65 6.93 -31.73 -4.46
N PHE A 66 6.51 -30.46 -4.55
CA PHE A 66 6.22 -29.61 -3.40
C PHE A 66 4.72 -29.37 -3.22
N GLU A 67 4.26 -29.35 -1.96
CA GLU A 67 2.85 -29.11 -1.59
C GLU A 67 2.77 -27.95 -0.61
N SER A 68 1.70 -27.18 -0.68
CA SER A 68 1.37 -26.24 0.38
C SER A 68 0.23 -26.78 1.20
N LEU A 69 0.47 -27.02 2.47
CA LEU A 69 -0.60 -27.48 3.35
C LEU A 69 -1.49 -26.36 3.79
N ASN A 70 -1.10 -25.12 3.48
CA ASN A 70 -1.92 -23.97 3.78
C ASN A 70 -2.07 -23.07 2.56
N PRO A 71 -2.91 -23.47 1.57
CA PRO A 71 -2.89 -22.82 0.27
C PRO A 71 -3.66 -21.48 0.17
N GLU A 72 -4.42 -21.13 1.23
CA GLU A 72 -5.06 -19.81 1.40
C GLU A 72 -4.06 -18.75 1.89
N VAL A 73 -2.95 -19.24 2.42
CA VAL A 73 -1.95 -18.44 3.10
C VAL A 73 -0.72 -18.30 2.21
N LEU A 74 -0.35 -19.39 1.54
CA LEU A 74 0.82 -19.40 0.67
C LEU A 74 0.67 -20.38 -0.48
N VAL A 75 1.00 -19.93 -1.68
CA VAL A 75 0.92 -20.77 -2.84
C VAL A 75 2.32 -21.31 -3.15
N VAL A 76 2.42 -22.65 -3.15
CA VAL A 76 3.64 -23.36 -3.54
C VAL A 76 3.33 -24.27 -4.73
N ALA A 77 3.98 -23.96 -5.86
CA ALA A 77 3.92 -24.75 -7.11
C ALA A 77 4.55 -26.13 -6.91
N PRO A 78 4.05 -27.16 -7.62
CA PRO A 78 4.66 -28.48 -7.38
C PRO A 78 6.18 -28.53 -7.67
N ASP A 79 6.66 -27.68 -8.59
CA ASP A 79 8.10 -27.51 -8.87
C ASP A 79 8.87 -26.70 -7.78
N GLY A 80 8.15 -26.26 -6.74
CA GLY A 80 8.76 -25.54 -5.64
C GLY A 80 8.69 -24.03 -5.66
N SER A 81 8.11 -23.44 -6.71
CA SER A 81 7.90 -21.97 -6.77
C SER A 81 6.92 -21.45 -5.70
N VAL A 82 7.21 -20.25 -5.19
CA VAL A 82 6.49 -19.70 -4.02
C VAL A 82 5.95 -18.27 -4.21
N THR A 83 4.65 -18.08 -3.94
CA THR A 83 4.06 -16.73 -3.82
C THR A 83 3.16 -16.59 -2.56
N PRO A 84 3.48 -15.61 -1.68
CA PRO A 84 2.65 -15.34 -0.51
C PRO A 84 1.28 -14.69 -0.83
N ILE A 85 0.27 -14.95 0.00
CA ILE A 85 -1.07 -14.37 -0.20
C ILE A 85 -1.44 -13.35 0.88
N VAL A 86 -1.66 -13.81 2.12
CA VAL A 86 -1.87 -12.90 3.26
C VAL A 86 -0.92 -13.29 4.41
N PRO A 87 -0.72 -12.39 5.42
CA PRO A 87 0.04 -12.81 6.61
C PRO A 87 -0.54 -14.04 7.35
N GLY A 88 0.36 -14.83 7.94
CA GLY A 88 0.03 -16.02 8.73
C GLY A 88 1.16 -17.03 8.64
N THR A 89 0.89 -18.27 9.05
CA THR A 89 1.89 -19.34 9.03
C THR A 89 1.41 -20.47 8.15
N ALA A 90 2.27 -20.86 7.23
CA ALA A 90 1.99 -22.00 6.38
C ALA A 90 2.99 -23.14 6.61
N LEU A 91 2.50 -24.37 6.54
CA LEU A 91 3.38 -25.53 6.53
C LEU A 91 3.56 -26.03 5.13
N VAL A 92 4.82 -26.07 4.73
CA VAL A 92 5.23 -26.48 3.41
C VAL A 92 5.80 -27.92 3.42
N LYS A 93 5.60 -28.67 2.33
CA LYS A 93 6.00 -30.09 2.22
C LYS A 93 6.71 -30.51 0.91
N VAL A 94 7.83 -31.22 1.03
CA VAL A 94 8.52 -31.83 -0.12
C VAL A 94 8.27 -33.34 -0.16
N LYS A 95 8.15 -33.90 -1.37
CA LYS A 95 7.86 -35.33 -1.60
C LYS A 95 8.81 -36.03 -2.58
N TYR A 96 9.39 -37.14 -2.12
CA TYR A 96 10.25 -38.00 -2.94
C TYR A 96 9.92 -39.49 -2.73
N GLY A 97 9.02 -40.03 -3.56
CA GLY A 97 8.42 -41.32 -3.29
C GLY A 97 7.78 -41.35 -1.91
N GLU A 98 8.21 -42.30 -1.08
CA GLU A 98 7.65 -42.46 0.27
C GLU A 98 8.20 -41.40 1.24
N VAL A 99 9.27 -40.71 0.82
CA VAL A 99 10.07 -39.83 1.70
C VAL A 99 9.62 -38.35 1.65
N THR A 100 9.23 -37.84 2.83
CA THR A 100 8.62 -36.50 2.99
C THR A 100 9.36 -35.63 4.03
N LYS A 101 9.21 -34.31 3.92
CA LYS A 101 9.69 -33.35 4.94
C LYS A 101 8.79 -32.08 4.96
N THR A 102 8.66 -31.48 6.15
CA THR A 102 7.80 -30.33 6.42
C THR A 102 8.61 -29.17 7.07
N ILE A 103 8.45 -27.95 6.57
CA ILE A 103 8.98 -26.75 7.27
C ILE A 103 7.91 -25.67 7.45
N PRO A 104 8.02 -24.84 8.52
CA PRO A 104 7.13 -23.68 8.59
C PRO A 104 7.62 -22.55 7.71
N VAL A 105 6.68 -21.72 7.26
CA VAL A 105 6.96 -20.51 6.49
C VAL A 105 6.04 -19.45 7.06
N THR A 106 6.61 -18.29 7.31
CA THR A 106 5.88 -17.19 7.90
C THR A 106 5.80 -16.09 6.86
N VAL A 107 4.58 -15.64 6.59
CA VAL A 107 4.34 -14.39 5.84
C VAL A 107 4.04 -13.30 6.85
N LYS A 108 4.76 -12.19 6.75
CA LYS A 108 4.49 -11.06 7.63
C LYS A 108 3.60 -10.08 6.90
N ALA A 109 2.85 -9.28 7.68
CA ALA A 109 2.05 -8.19 7.11
C ALA A 109 2.99 -7.20 6.46
N ASN A 110 2.57 -6.64 5.34
CA ASN A 110 3.40 -5.62 4.66
C ASN A 110 3.67 -4.40 5.54
N PRO A 111 4.84 -3.75 5.32
CA PRO A 111 5.18 -2.45 5.89
C PRO A 111 4.06 -1.45 5.73
N VAL A 112 3.77 -0.72 6.80
CA VAL A 112 2.93 0.49 6.77
C VAL A 112 3.65 1.54 7.64
N LEU A 113 3.29 2.82 7.49
CA LEU A 113 3.96 3.88 8.21
C LEU A 113 3.61 3.86 9.71
N GLU A 114 4.63 3.78 10.55
CA GLU A 114 4.43 3.72 11.97
C GLU A 114 4.92 4.98 12.66
N THR A 115 6.09 5.49 12.25
CA THR A 115 6.77 6.60 12.92
C THR A 115 7.35 7.59 11.94
N ILE A 116 7.11 8.87 12.20
CA ILE A 116 7.87 9.94 11.61
C ILE A 116 8.96 10.36 12.62
N ALA A 117 10.17 9.87 12.45
CA ALA A 117 11.32 10.29 13.27
C ALA A 117 11.85 11.64 12.80
N VAL A 118 12.10 12.54 13.76
CA VAL A 118 12.53 13.92 13.48
C VAL A 118 13.78 14.27 14.26
N ASP A 119 14.88 14.44 13.53
CA ASP A 119 16.22 14.93 13.97
C ASP A 119 16.29 16.12 14.93
N SER A 120 15.16 16.79 15.15
CA SER A 120 15.16 18.05 15.83
C SER A 120 14.05 18.10 16.87
N THR A 121 14.11 19.09 17.75
CA THR A 121 13.17 19.21 18.85
C THR A 121 12.58 20.63 18.83
N GLY A 122 13.16 21.44 17.94
CA GLY A 122 12.89 22.87 17.85
C GLY A 122 13.97 23.45 16.96
N VAL A 123 13.67 24.60 16.36
CA VAL A 123 14.58 25.23 15.43
C VAL A 123 14.79 26.69 15.81
N SER A 124 16.04 27.11 15.70
CA SER A 124 16.42 28.48 15.93
C SER A 124 17.17 28.94 14.68
N VAL A 125 16.60 29.92 13.99
CA VAL A 125 17.21 30.45 12.79
C VAL A 125 17.23 31.98 12.88
N ALA A 126 18.27 32.57 12.30
CA ALA A 126 18.37 34.02 12.26
C ALA A 126 17.56 34.54 11.07
N LYS A 127 16.98 35.74 11.23
CA LYS A 127 16.25 36.43 10.18
C LYS A 127 17.08 36.45 8.89
N GLY A 128 16.47 36.06 7.78
CA GLY A 128 17.14 35.99 6.46
C GLY A 128 18.14 34.87 6.26
N GLN A 129 18.07 33.83 7.11
CA GLN A 129 18.88 32.61 7.05
C GLN A 129 18.03 31.35 6.94
N LYS A 130 18.68 30.24 6.67
CA LYS A 130 17.99 28.98 6.53
C LYS A 130 18.54 27.97 7.54
N ALA A 131 17.66 27.07 7.98
CA ALA A 131 18.09 25.96 8.82
C ALA A 131 17.53 24.66 8.30
N THR A 132 18.14 23.59 8.78
CA THR A 132 18.05 22.26 8.20
C THR A 132 17.92 21.21 9.30
N PHE A 133 17.03 20.24 9.08
CA PHE A 133 17.00 18.99 9.86
C PHE A 133 16.45 17.86 9.02
N LYS A 134 16.57 16.63 9.52
CA LYS A 134 16.12 15.42 8.80
C LYS A 134 14.84 14.80 9.35
N VAL A 135 14.11 14.18 8.43
CA VAL A 135 12.86 13.48 8.72
C VAL A 135 12.98 12.07 8.18
N THR A 136 12.70 11.08 9.02
CA THR A 136 12.80 9.69 8.62
C THR A 136 11.52 8.98 8.93
N LEU A 137 10.98 8.32 7.91
CA LEU A 137 9.77 7.53 8.06
C LEU A 137 10.13 6.09 8.36
N LYS A 138 9.41 5.50 9.31
CA LYS A 138 9.64 4.13 9.73
C LYS A 138 8.36 3.33 9.74
N ASP A 139 8.48 2.06 9.35
CA ASP A 139 7.39 1.11 9.41
C ASP A 139 7.20 0.45 10.78
N GLN A 140 6.20 -0.43 10.89
CA GLN A 140 5.88 -1.08 12.19
C GLN A 140 7.01 -1.93 12.76
N TYR A 141 7.91 -2.37 11.88
CA TYR A 141 9.06 -3.15 12.30
C TYR A 141 10.25 -2.27 12.66
N GLY A 142 10.06 -0.95 12.56
CA GLY A 142 11.13 0.01 12.83
C GLY A 142 12.21 0.07 11.77
N ASN A 143 11.91 -0.31 10.54
CA ASN A 143 12.80 -0.03 9.41
C ASN A 143 12.29 1.13 8.58
N LYS A 144 13.21 1.75 7.84
CA LYS A 144 12.92 2.76 6.81
C LYS A 144 11.70 2.44 5.90
N PHE A 145 10.85 3.44 5.70
CA PHE A 145 9.64 3.25 4.90
C PHE A 145 9.54 4.37 3.87
N THR A 146 9.38 4.02 2.58
CA THR A 146 9.21 5.01 1.52
C THR A 146 7.77 5.47 1.51
N GLY A 147 7.58 6.78 1.60
CA GLY A 147 6.26 7.39 1.66
C GLY A 147 6.31 8.89 1.51
N ASN A 148 5.15 9.51 1.39
CA ASN A 148 5.13 10.91 1.04
C ASN A 148 5.12 11.80 2.27
N VAL A 149 5.70 13.00 2.14
CA VAL A 149 5.81 13.96 3.24
C VAL A 149 5.36 15.39 2.87
N ASN A 150 4.61 16.06 3.74
CA ASN A 150 4.16 17.43 3.51
C ASN A 150 4.39 18.30 4.71
N VAL A 151 5.00 19.47 4.46
CA VAL A 151 5.42 20.43 5.47
C VAL A 151 4.78 21.80 5.23
N THR A 152 4.23 22.37 6.29
CA THR A 152 3.62 23.69 6.25
C THR A 152 4.03 24.43 7.52
N SER A 153 3.65 25.70 7.60
CA SER A 153 4.05 26.57 8.67
C SER A 153 2.83 27.35 9.05
N ASP A 154 2.64 27.54 10.35
CA ASP A 154 1.48 28.24 10.88
C ASP A 154 1.46 29.74 10.54
N LYS A 155 2.65 30.35 10.46
CA LYS A 155 2.76 31.76 10.09
C LYS A 155 3.90 31.98 9.11
N THR A 156 3.52 32.16 7.83
CA THR A 156 4.51 32.27 6.73
C THR A 156 5.19 33.63 6.69
N GLU A 157 4.59 34.58 7.40
CA GLU A 157 5.16 35.91 7.60
C GLU A 157 6.33 35.89 8.58
N THR A 158 6.39 34.88 9.45
CA THR A 158 7.53 34.65 10.34
C THR A 158 8.57 33.72 9.73
N ALA A 159 8.13 32.66 9.09
CA ALA A 159 9.01 31.59 8.64
C ALA A 159 8.33 30.72 7.60
N THR A 160 9.10 30.28 6.61
CA THR A 160 8.58 29.44 5.53
C THR A 160 9.35 28.11 5.56
N VAL A 161 8.79 27.11 4.90
CA VAL A 161 9.33 25.79 5.00
C VAL A 161 9.33 25.13 3.64
N SER A 162 10.30 24.24 3.42
CA SER A 162 10.29 23.39 2.24
C SER A 162 11.02 22.06 2.48
N VAL A 163 10.70 21.09 1.61
CA VAL A 163 11.22 19.73 1.70
C VAL A 163 11.91 19.26 0.40
N SER A 164 13.06 18.62 0.57
CA SER A 164 13.80 17.97 -0.49
C SER A 164 12.92 16.98 -1.26
N ASN A 165 13.25 16.79 -2.55
CA ASN A 165 12.67 15.75 -3.41
C ASN A 165 11.18 15.84 -3.66
N SER A 166 10.62 17.04 -3.47
CA SER A 166 9.17 17.31 -3.52
C SER A 166 8.39 16.46 -2.56
N GLY A 167 9.07 15.98 -1.54
CA GLY A 167 8.44 15.17 -0.52
C GLY A 167 7.82 13.88 -1.00
N ILE A 168 8.32 13.31 -2.09
CA ILE A 168 7.91 11.96 -2.50
C ILE A 168 9.03 11.00 -2.81
N GLY A 169 8.71 9.71 -2.70
CA GLY A 169 9.51 8.64 -3.24
C GLY A 169 10.68 8.23 -2.37
N GLN A 170 10.76 8.82 -1.18
CA GLN A 170 11.91 8.66 -0.30
C GLN A 170 11.46 8.30 1.11
N SER A 171 12.41 7.84 1.91
CA SER A 171 12.17 7.48 3.30
C SER A 171 12.90 8.44 4.23
N GLU A 172 13.88 9.18 3.69
CA GLU A 172 14.61 10.25 4.39
C GLU A 172 14.55 11.54 3.60
N TYR A 173 14.08 12.61 4.24
CA TYR A 173 13.96 13.91 3.59
C TYR A 173 14.70 14.93 4.40
N THR A 174 15.15 16.00 3.72
CA THR A 174 15.66 17.21 4.39
C THR A 174 14.59 18.28 4.43
N VAL A 175 14.42 18.89 5.61
CA VAL A 175 13.55 20.03 5.78
C VAL A 175 14.37 21.33 5.95
N THR A 176 14.09 22.32 5.11
CA THR A 176 14.70 23.64 5.20
C THR A 176 13.67 24.60 5.77
N VAL A 177 14.09 25.39 6.75
CA VAL A 177 13.25 26.48 7.27
C VAL A 177 13.94 27.79 7.03
N ASN A 178 13.25 28.71 6.35
CA ASN A 178 13.80 30.04 6.18
C ASN A 178 13.27 31.00 7.22
N GLY A 179 14.20 31.66 7.91
CA GLY A 179 13.86 32.79 8.77
C GLY A 179 13.41 34.02 7.99
N VAL A 180 12.17 34.44 8.20
CA VAL A 180 11.56 35.55 7.42
C VAL A 180 11.38 36.83 8.23
N ALA A 181 10.86 36.72 9.45
CA ALA A 181 10.75 37.86 10.39
C ALA A 181 10.93 37.40 11.82
N GLU A 182 11.37 38.30 12.69
CA GLU A 182 11.60 37.97 14.09
C GLU A 182 10.29 37.52 14.73
N GLY A 183 10.37 36.54 15.62
CA GLY A 183 9.19 35.97 16.26
C GLY A 183 9.23 34.45 16.26
N SER A 184 8.11 33.84 16.66
CA SER A 184 8.06 32.38 16.70
C SER A 184 6.83 31.78 16.05
N THR A 185 6.93 30.50 15.71
CA THR A 185 5.86 29.75 15.07
C THR A 185 6.13 28.23 15.15
N THR A 186 5.27 27.44 14.48
CA THR A 186 5.34 25.97 14.45
C THR A 186 5.24 25.42 13.02
N ILE A 187 6.15 24.52 12.68
CA ILE A 187 6.09 23.70 11.46
C ILE A 187 5.42 22.38 11.83
N THR A 188 4.65 21.89 10.87
CA THR A 188 3.97 20.62 10.99
C THR A 188 4.46 19.76 9.80
N ILE A 189 4.92 18.55 10.10
CA ILE A 189 5.35 17.60 9.10
C ILE A 189 4.32 16.51 9.07
N LYS A 190 3.65 16.35 7.93
CA LYS A 190 2.57 15.37 7.78
C LYS A 190 3.03 14.24 6.89
N SER A 191 2.61 13.02 7.21
CA SER A 191 2.78 11.87 6.34
C SER A 191 1.66 10.91 6.66
N GLY A 192 0.99 10.42 5.63
CA GLY A 192 -0.19 9.57 5.81
C GLY A 192 -1.19 10.21 6.77
N THR A 193 -1.59 9.45 7.77
CA THR A 193 -2.52 9.92 8.78
C THR A 193 -1.78 10.45 10.02
N LYS A 194 -0.46 10.43 10.01
CA LYS A 194 0.32 10.83 11.21
C LYS A 194 0.98 12.20 10.98
N GLU A 195 1.51 12.82 12.05
CA GLU A 195 1.97 14.20 12.00
C GLU A 195 2.89 14.58 13.21
N VAL A 196 4.01 15.26 12.98
CA VAL A 196 4.79 15.79 14.10
C VAL A 196 4.82 17.31 13.99
N LYS A 197 4.81 17.99 15.14
CA LYS A 197 4.98 19.45 15.18
C LYS A 197 6.32 19.88 15.73
N VAL A 198 6.91 20.92 15.13
CA VAL A 198 8.21 21.41 15.55
C VAL A 198 8.14 22.93 15.80
N PRO A 199 8.51 23.38 17.00
CA PRO A 199 8.51 24.83 17.18
C PRO A 199 9.68 25.48 16.41
N VAL A 200 9.60 26.78 16.19
CA VAL A 200 10.57 27.52 15.41
C VAL A 200 10.64 28.91 15.98
N ASN A 201 11.86 29.39 16.15
CA ASN A 201 12.11 30.72 16.68
C ASN A 201 13.11 31.48 15.80
N VAL A 202 12.63 32.59 15.24
CA VAL A 202 13.43 33.42 14.34
C VAL A 202 14.01 34.60 15.12
N VAL A 203 15.34 34.63 15.14
CA VAL A 203 16.14 35.57 15.93
C VAL A 203 16.73 36.64 14.95
N ALA A 204 17.34 37.71 15.48
CA ALA A 204 17.95 38.73 14.62
C ALA A 204 19.31 38.34 14.02
N LEU B 10 -23.91 -22.20 -10.33
CA LEU B 10 -22.48 -21.79 -10.10
C LEU B 10 -22.30 -20.30 -10.32
N LYS B 11 -22.32 -19.54 -9.22
CA LYS B 11 -22.06 -18.09 -9.26
C LYS B 11 -21.23 -17.60 -8.04
N LEU B 12 -20.21 -16.77 -8.28
CA LEU B 12 -19.34 -16.23 -7.21
C LEU B 12 -20.06 -15.25 -6.29
N THR B 13 -20.02 -15.52 -4.99
CA THR B 13 -20.80 -14.76 -4.02
C THR B 13 -20.06 -14.51 -2.71
N LYS B 14 -20.36 -13.37 -2.12
CA LYS B 14 -20.07 -13.07 -0.72
C LYS B 14 -21.38 -12.51 -0.19
N ASP B 15 -21.69 -12.78 1.10
CA ASP B 15 -23.06 -12.70 1.63
C ASP B 15 -23.86 -13.68 0.72
N ASN B 16 -24.99 -13.26 0.18
CA ASN B 16 -25.63 -13.97 -0.93
C ASN B 16 -25.58 -13.14 -2.21
N LYS B 17 -25.13 -11.89 -2.08
CA LYS B 17 -24.93 -10.97 -3.19
C LYS B 17 -23.92 -11.50 -4.20
N GLU B 18 -24.21 -11.27 -5.48
CA GLU B 18 -23.36 -11.70 -6.58
C GLU B 18 -22.14 -10.80 -6.67
N VAL B 19 -20.98 -11.42 -6.93
CA VAL B 19 -19.71 -10.71 -7.12
C VAL B 19 -19.51 -10.35 -8.61
N VAL B 20 -19.58 -9.07 -8.91
CA VAL B 20 -19.34 -8.56 -10.27
C VAL B 20 -17.86 -8.24 -10.47
N THR B 21 -17.18 -7.77 -9.43
CA THR B 21 -15.79 -7.30 -9.51
C THR B 21 -14.96 -7.81 -8.35
N LEU B 22 -13.85 -8.45 -8.70
CA LEU B 22 -12.91 -8.93 -7.69
C LEU B 22 -11.50 -8.40 -7.92
N TYR B 23 -10.90 -7.92 -6.83
CA TYR B 23 -9.51 -7.45 -6.83
C TYR B 23 -8.60 -8.39 -6.09
N ALA B 24 -7.31 -8.39 -6.44
CA ALA B 24 -6.33 -9.28 -5.84
C ALA B 24 -6.33 -9.21 -4.34
N ASN B 25 -6.50 -8.02 -3.78
CA ASN B 25 -6.53 -7.86 -2.33
C ASN B 25 -7.68 -8.61 -1.67
N GLY B 26 -8.59 -9.11 -2.48
CA GLY B 26 -9.72 -9.90 -2.01
C GLY B 26 -10.93 -9.05 -1.72
N ASN B 27 -11.02 -7.88 -2.34
CA ASN B 27 -12.24 -7.07 -2.20
C ASN B 27 -13.21 -7.30 -3.34
N ALA B 28 -14.48 -7.40 -2.96
CA ALA B 28 -15.54 -7.77 -3.85
C ALA B 28 -16.63 -6.70 -3.93
N PHE B 29 -17.15 -6.52 -5.14
CA PHE B 29 -18.13 -5.48 -5.38
C PHE B 29 -19.39 -5.96 -6.08
N ASP B 30 -20.53 -5.47 -5.60
CA ASP B 30 -21.87 -5.82 -6.09
C ASP B 30 -22.14 -5.32 -7.52
N LYS B 31 -23.33 -5.62 -8.04
CA LYS B 31 -23.71 -5.23 -9.40
C LYS B 31 -23.69 -3.71 -9.70
N ASP B 32 -23.80 -2.88 -8.67
CA ASP B 32 -23.70 -1.42 -8.84
C ASP B 32 -22.82 -0.69 -7.81
N GLY B 33 -21.54 -1.06 -7.78
CA GLY B 33 -20.49 -0.22 -7.21
C GLY B 33 -19.98 -0.43 -5.79
N ASN B 34 -20.76 -1.08 -4.93
CA ASN B 34 -20.46 -1.08 -3.50
C ASN B 34 -19.87 -2.34 -2.94
N GLN B 35 -18.98 -2.16 -1.97
CA GLN B 35 -18.20 -3.25 -1.39
C GLN B 35 -19.06 -4.13 -0.52
N ILE B 36 -18.85 -5.45 -0.64
CA ILE B 36 -19.51 -6.42 0.20
C ILE B 36 -18.64 -6.64 1.44
N SER B 37 -19.03 -5.99 2.54
CA SER B 37 -18.22 -5.89 3.77
C SER B 37 -18.11 -7.18 4.59
N SER B 38 -19.24 -7.72 5.01
CA SER B 38 -19.27 -8.99 5.75
C SER B 38 -19.55 -10.16 4.80
N GLY B 39 -19.57 -11.37 5.34
CA GLY B 39 -19.76 -12.58 4.54
C GLY B 39 -18.44 -13.18 4.11
N THR B 40 -18.51 -14.35 3.47
CA THR B 40 -17.33 -15.07 2.98
C THR B 40 -17.35 -15.25 1.47
N LEU B 41 -16.20 -14.99 0.85
CA LEU B 41 -15.99 -15.17 -0.59
C LEU B 41 -15.90 -16.64 -0.96
N THR B 42 -16.90 -17.06 -1.74
CA THR B 42 -17.14 -18.46 -2.03
C THR B 42 -17.92 -18.64 -3.36
N LEU B 43 -17.88 -19.84 -3.92
CA LEU B 43 -18.81 -20.24 -4.98
C LEU B 43 -20.11 -20.73 -4.34
N THR B 44 -21.21 -20.72 -5.12
CA THR B 44 -22.46 -21.44 -4.78
C THR B 44 -23.01 -22.21 -6.01
N ALA B 45 -23.71 -23.32 -5.74
CA ALA B 45 -24.36 -24.15 -6.78
C ALA B 45 -25.65 -24.79 -6.24
N VAL B 59 -25.98 -30.05 1.22
CA VAL B 59 -24.93 -29.68 2.18
C VAL B 59 -23.56 -29.47 1.48
N ALA B 60 -23.06 -28.25 1.60
CA ALA B 60 -21.98 -27.70 0.76
C ALA B 60 -20.56 -28.24 1.01
N GLY B 61 -19.90 -28.66 -0.08
CA GLY B 61 -18.49 -29.06 -0.03
C GLY B 61 -18.26 -30.57 -0.08
N THR B 62 -19.16 -31.31 0.58
CA THR B 62 -19.03 -32.77 0.75
C THR B 62 -19.95 -33.62 -0.17
N ASP B 63 -21.17 -33.13 -0.42
CA ASP B 63 -22.02 -33.65 -1.52
C ASP B 63 -21.28 -33.38 -2.84
N TYR B 64 -20.85 -32.13 -3.01
CA TYR B 64 -20.32 -31.62 -4.26
C TYR B 64 -19.02 -30.85 -4.07
N THR B 65 -18.12 -31.00 -5.03
CA THR B 65 -16.72 -30.60 -4.87
C THR B 65 -16.18 -29.47 -5.84
N PHE B 66 -15.84 -28.32 -5.23
CA PHE B 66 -15.28 -27.14 -5.91
C PHE B 66 -13.77 -27.22 -6.10
N GLU B 67 -13.27 -26.78 -7.26
CA GLU B 67 -11.81 -26.74 -7.52
C GLU B 67 -11.32 -25.72 -8.58
N SER B 68 -10.27 -24.96 -8.28
CA SER B 68 -9.63 -24.10 -9.29
C SER B 68 -8.93 -24.94 -10.35
N LEU B 69 -8.81 -24.42 -11.57
CA LEU B 69 -8.07 -25.10 -12.63
C LEU B 69 -6.94 -24.20 -13.10
N ASN B 70 -6.86 -23.03 -12.48
CA ASN B 70 -5.69 -22.19 -12.62
C ASN B 70 -5.24 -21.89 -11.19
N PRO B 71 -4.27 -22.70 -10.68
CA PRO B 71 -3.94 -22.66 -9.26
C PRO B 71 -2.93 -21.56 -8.87
N GLU B 72 -2.48 -20.78 -9.87
CA GLU B 72 -1.63 -19.59 -9.66
C GLU B 72 -2.35 -18.23 -9.93
N VAL B 73 -3.68 -18.28 -9.94
CA VAL B 73 -4.56 -17.11 -10.06
C VAL B 73 -5.58 -17.13 -8.92
N LEU B 74 -6.04 -18.34 -8.57
CA LEU B 74 -7.11 -18.49 -7.59
C LEU B 74 -7.03 -19.78 -6.76
N VAL B 75 -7.67 -19.78 -5.59
CA VAL B 75 -7.63 -20.90 -4.64
C VAL B 75 -9.00 -21.60 -4.45
N SER B 81 -14.72 -22.33 -2.04
CA SER B 81 -14.47 -21.11 -1.26
C SER B 81 -13.17 -20.40 -1.67
N VAL B 82 -13.26 -19.11 -1.89
CA VAL B 82 -12.34 -18.42 -2.80
C VAL B 82 -11.37 -17.42 -2.12
N THR B 83 -10.10 -17.52 -2.51
CA THR B 83 -9.08 -16.52 -2.20
C THR B 83 -8.24 -16.23 -3.48
N PRO B 84 -8.20 -14.94 -3.90
CA PRO B 84 -7.46 -14.45 -5.06
C PRO B 84 -5.96 -14.32 -4.81
N ILE B 85 -5.16 -14.61 -5.85
CA ILE B 85 -3.69 -14.59 -5.76
C ILE B 85 -3.08 -13.35 -6.43
N VAL B 86 -3.18 -13.28 -7.76
CA VAL B 86 -2.71 -12.13 -8.57
C VAL B 86 -3.78 -11.83 -9.62
N PRO B 87 -3.65 -10.69 -10.34
CA PRO B 87 -4.64 -10.44 -11.39
C PRO B 87 -4.51 -11.42 -12.57
N GLY B 88 -5.65 -11.86 -13.09
CA GLY B 88 -5.75 -12.70 -14.29
C GLY B 88 -7.09 -13.42 -14.38
N THR B 89 -7.15 -14.40 -15.29
CA THR B 89 -8.37 -15.18 -15.40
C THR B 89 -8.11 -16.60 -14.95
N ALA B 90 -9.03 -17.08 -14.12
CA ALA B 90 -8.95 -18.38 -13.50
C ALA B 90 -10.21 -19.16 -13.85
N LEU B 91 -10.04 -20.45 -14.16
CA LEU B 91 -11.19 -21.31 -14.45
C LEU B 91 -11.61 -22.16 -13.26
N VAL B 92 -12.85 -21.98 -12.85
CA VAL B 92 -13.39 -22.56 -11.62
C VAL B 92 -14.42 -23.62 -12.00
N LYS B 93 -14.45 -24.73 -11.24
CA LYS B 93 -15.28 -25.93 -11.53
C LYS B 93 -15.90 -26.59 -10.28
N VAL B 94 -17.13 -27.09 -10.43
CA VAL B 94 -17.78 -27.97 -9.44
C VAL B 94 -18.06 -29.39 -10.03
N LYS B 95 -18.06 -30.40 -9.15
CA LYS B 95 -18.41 -31.82 -9.46
C LYS B 95 -19.49 -32.37 -8.52
N TYR B 96 -20.31 -33.28 -9.07
CA TYR B 96 -21.32 -34.04 -8.31
C TYR B 96 -21.46 -35.44 -8.93
N GLY B 97 -20.39 -36.23 -8.89
CA GLY B 97 -20.31 -37.55 -9.51
C GLY B 97 -20.66 -37.58 -11.00
N GLU B 98 -20.15 -36.60 -11.74
CA GLU B 98 -20.42 -36.49 -13.18
C GLU B 98 -19.28 -37.06 -14.00
N LYS B 101 -19.73 -28.87 -14.70
CA LYS B 101 -19.46 -27.79 -15.65
C LYS B 101 -18.67 -26.61 -15.05
N THR B 102 -18.06 -25.81 -15.94
CA THR B 102 -16.97 -24.87 -15.62
C THR B 102 -17.27 -23.37 -15.96
N ILE B 103 -17.23 -22.48 -14.94
CA ILE B 103 -17.39 -20.99 -15.13
C ILE B 103 -16.07 -20.18 -14.92
N PRO B 104 -15.85 -19.10 -15.73
CA PRO B 104 -14.65 -18.22 -15.51
C PRO B 104 -14.80 -17.20 -14.38
N VAL B 105 -13.67 -16.88 -13.73
CA VAL B 105 -13.58 -15.84 -12.70
C VAL B 105 -12.38 -14.93 -12.99
N THR B 106 -12.63 -13.63 -12.99
CA THR B 106 -11.59 -12.63 -13.28
C THR B 106 -11.10 -11.93 -12.01
N VAL B 107 -9.79 -11.89 -11.85
CA VAL B 107 -9.17 -11.11 -10.79
C VAL B 107 -8.53 -9.87 -11.41
N LYS B 108 -8.94 -8.71 -10.91
CA LYS B 108 -8.43 -7.43 -11.40
C LYS B 108 -7.34 -6.91 -10.48
N ALA B 109 -6.46 -6.07 -11.02
CA ALA B 109 -5.43 -5.36 -10.25
C ALA B 109 -6.02 -4.35 -9.28
N ASN B 110 -5.41 -4.31 -8.09
CA ASN B 110 -5.86 -3.44 -7.02
C ASN B 110 -5.89 -1.97 -7.42
N PRO B 111 -6.97 -1.27 -7.07
CA PRO B 111 -7.16 0.14 -7.36
C PRO B 111 -6.01 0.99 -6.83
N VAL B 112 -5.58 1.96 -7.62
CA VAL B 112 -4.52 2.91 -7.27
C VAL B 112 -4.98 4.31 -7.68
N LEU B 113 -4.41 5.34 -7.09
CA LEU B 113 -4.82 6.67 -7.45
C LEU B 113 -4.43 7.03 -8.88
N GLU B 114 -5.41 7.49 -9.65
CA GLU B 114 -5.17 7.94 -11.01
C GLU B 114 -5.52 9.42 -11.20
N THR B 115 -6.57 9.89 -10.53
CA THR B 115 -7.11 11.23 -10.77
C THR B 115 -7.56 11.95 -9.49
N ILE B 116 -7.24 13.25 -9.42
CA ILE B 116 -7.83 14.15 -8.45
C ILE B 116 -8.77 15.03 -9.25
N ALA B 117 -10.04 14.62 -9.38
CA ALA B 117 -11.07 15.47 -10.01
C ALA B 117 -11.45 16.66 -9.13
N VAL B 118 -11.59 17.83 -9.72
CA VAL B 118 -11.97 19.04 -9.00
C VAL B 118 -13.18 19.71 -9.66
N ASP B 119 -14.27 19.89 -8.90
CA ASP B 119 -15.52 20.51 -9.39
C ASP B 119 -15.35 21.95 -9.93
N SER B 120 -14.38 22.71 -9.42
CA SER B 120 -14.24 24.13 -9.76
C SER B 120 -13.12 24.36 -10.78
N THR B 121 -12.93 25.62 -11.18
CA THR B 121 -12.03 25.99 -12.25
C THR B 121 -11.27 27.24 -11.82
N GLY B 122 -11.74 27.81 -10.73
CA GLY B 122 -11.30 29.10 -10.20
C GLY B 122 -12.32 29.52 -9.16
N VAL B 123 -11.85 30.10 -8.06
CA VAL B 123 -12.69 30.50 -6.93
C VAL B 123 -12.79 32.02 -6.88
N SER B 124 -14.02 32.51 -6.81
CA SER B 124 -14.30 33.92 -6.67
C SER B 124 -14.95 34.20 -5.30
N VAL B 125 -14.21 34.87 -4.40
CA VAL B 125 -14.67 35.04 -3.02
C VAL B 125 -14.51 36.46 -2.53
N ALA B 126 -15.56 36.92 -1.86
CA ALA B 126 -15.58 38.25 -1.26
C ALA B 126 -14.68 38.22 -0.04
N LYS B 127 -13.94 39.33 0.17
CA LYS B 127 -13.13 39.51 1.37
C LYS B 127 -14.01 39.29 2.60
N GLY B 128 -13.53 38.44 3.52
CA GLY B 128 -14.24 38.16 4.79
C GLY B 128 -15.35 37.14 4.72
N GLN B 129 -15.49 36.50 3.55
CA GLN B 129 -16.50 35.48 3.28
C GLN B 129 -15.82 34.15 2.90
N LYS B 130 -16.61 33.11 2.68
CA LYS B 130 -16.10 31.83 2.23
C LYS B 130 -16.70 31.31 0.90
N ALA B 131 -16.04 30.30 0.31
CA ALA B 131 -16.55 29.58 -0.85
C ALA B 131 -16.10 28.17 -0.69
N THR B 132 -16.85 27.24 -1.30
CA THR B 132 -16.52 25.82 -1.25
C THR B 132 -16.47 25.21 -2.63
N PHE B 133 -15.63 24.17 -2.77
CA PHE B 133 -15.71 23.24 -3.90
C PHE B 133 -15.42 21.79 -3.49
N LYS B 134 -15.68 20.86 -4.42
CA LYS B 134 -15.54 19.44 -4.17
C LYS B 134 -14.33 18.84 -4.87
N VAL B 135 -13.75 17.83 -4.23
CA VAL B 135 -12.59 17.11 -4.75
C VAL B 135 -12.97 15.64 -4.71
N THR B 136 -12.80 14.93 -5.81
CA THR B 136 -12.98 13.50 -5.76
C THR B 136 -11.70 12.79 -6.17
N LEU B 137 -11.38 11.70 -5.47
CA LEU B 137 -10.27 10.86 -5.85
C LEU B 137 -10.80 9.66 -6.61
N LYS B 138 -10.17 9.37 -7.74
CA LYS B 138 -10.58 8.29 -8.59
C LYS B 138 -9.42 7.36 -8.92
N ASP B 139 -9.71 6.08 -9.09
CA ASP B 139 -8.68 5.11 -9.42
C ASP B 139 -8.54 4.98 -10.95
N GLN B 140 -7.81 3.95 -11.37
CA GLN B 140 -7.59 3.73 -12.80
C GLN B 140 -8.84 3.21 -13.54
N TYR B 141 -9.81 2.69 -12.81
CA TYR B 141 -11.06 2.21 -13.41
C TYR B 141 -12.12 3.30 -13.44
N GLY B 142 -11.76 4.50 -12.95
CA GLY B 142 -12.67 5.66 -12.91
C GLY B 142 -13.64 5.72 -11.74
N ASN B 143 -13.47 4.84 -10.74
CA ASN B 143 -14.32 4.90 -9.55
C ASN B 143 -13.64 5.51 -8.34
N LYS B 144 -14.46 5.96 -7.40
CA LYS B 144 -14.06 6.59 -6.14
C LYS B 144 -12.99 5.82 -5.37
N PHE B 145 -12.00 6.54 -4.84
CA PHE B 145 -10.81 5.95 -4.19
C PHE B 145 -10.51 6.61 -2.83
N THR B 146 -10.40 5.79 -1.78
CA THR B 146 -10.09 6.30 -0.44
C THR B 146 -8.64 6.75 -0.38
N GLY B 147 -8.41 8.01 -0.03
CA GLY B 147 -7.07 8.57 -0.05
C GLY B 147 -7.03 9.84 0.74
N ASN B 148 -5.82 10.22 1.15
CA ASN B 148 -5.58 11.44 1.90
C ASN B 148 -5.38 12.63 0.98
N VAL B 149 -5.69 13.81 1.48
CA VAL B 149 -5.64 15.05 0.70
C VAL B 149 -5.00 16.17 1.52
N ASN B 150 -4.00 16.85 0.94
CA ASN B 150 -3.46 18.06 1.53
C ASN B 150 -3.70 19.30 0.70
N VAL B 151 -4.24 20.31 1.36
CA VAL B 151 -4.64 21.53 0.69
C VAL B 151 -3.90 22.72 1.30
N THR B 152 -3.23 23.52 0.46
CA THR B 152 -2.44 24.67 0.94
C THR B 152 -2.68 25.91 0.06
N SER B 153 -2.26 27.08 0.56
CA SER B 153 -2.49 28.34 -0.12
C SER B 153 -1.16 29.03 -0.36
N ASP B 154 -0.95 29.54 -1.58
CA ASP B 154 0.29 30.24 -1.94
C ASP B 154 0.50 31.52 -1.12
N LYS B 155 -0.58 32.26 -0.86
CA LYS B 155 -0.52 33.46 -0.02
C LYS B 155 -1.64 33.46 1.05
N THR B 156 -1.26 33.22 2.30
CA THR B 156 -2.22 33.22 3.40
C THR B 156 -2.78 34.62 3.76
N GLU B 157 -2.06 35.68 3.38
CA GLU B 157 -2.58 37.04 3.56
C GLU B 157 -3.71 37.37 2.59
N THR B 158 -3.67 36.76 1.41
CA THR B 158 -4.77 36.88 0.44
C THR B 158 -5.95 35.95 0.79
N ALA B 159 -5.70 34.65 0.97
CA ALA B 159 -6.76 33.69 1.26
C ALA B 159 -6.25 32.49 2.01
N THR B 160 -7.04 31.97 2.93
CA THR B 160 -6.65 30.75 3.66
C THR B 160 -7.56 29.64 3.24
N VAL B 161 -7.11 28.40 3.45
CA VAL B 161 -7.78 27.17 2.97
C VAL B 161 -7.89 26.03 4.02
N SER B 162 -9.03 25.33 4.04
CA SER B 162 -9.16 24.09 4.83
C SER B 162 -9.99 23.01 4.14
N VAL B 163 -9.92 21.80 4.66
CA VAL B 163 -10.51 20.65 4.02
C VAL B 163 -11.29 19.85 5.07
N SER B 164 -12.52 19.43 4.74
CA SER B 164 -13.32 18.48 5.58
C SER B 164 -12.59 17.19 5.95
N ASN B 165 -12.94 16.65 7.12
CA ASN B 165 -12.42 15.38 7.66
C ASN B 165 -10.90 15.35 7.79
N SER B 166 -10.29 16.51 8.02
CA SER B 166 -8.82 16.66 8.10
C SER B 166 -8.11 16.02 6.89
N GLY B 167 -8.75 16.03 5.73
CA GLY B 167 -8.18 15.47 4.53
C GLY B 167 -7.82 14.00 4.64
N ILE B 168 -8.54 13.27 5.50
CA ILE B 168 -8.24 11.86 5.79
C ILE B 168 -9.43 10.93 5.55
N GLY B 169 -9.15 9.82 4.85
CA GLY B 169 -9.98 8.63 4.92
C GLY B 169 -11.22 8.57 4.05
N GLN B 170 -11.41 9.58 3.21
CA GLN B 170 -12.51 9.60 2.24
C GLN B 170 -12.07 9.50 0.78
N SER B 171 -13.06 9.46 -0.10
CA SER B 171 -12.83 9.56 -1.53
C SER B 171 -13.26 10.91 -2.06
N GLU B 172 -14.09 11.60 -1.29
CA GLU B 172 -14.67 12.89 -1.67
C GLU B 172 -14.53 13.85 -0.50
N TYR B 173 -14.12 15.08 -0.78
CA TYR B 173 -13.91 16.10 0.24
C TYR B 173 -14.42 17.46 -0.25
N THR B 174 -14.83 18.30 0.71
CA THR B 174 -15.20 19.70 0.48
C THR B 174 -14.03 20.58 0.93
N VAL B 175 -13.64 21.49 0.06
CA VAL B 175 -12.56 22.43 0.33
C VAL B 175 -13.18 23.80 0.58
N THR B 176 -12.74 24.46 1.65
CA THR B 176 -13.28 25.75 2.03
C THR B 176 -12.18 26.76 1.89
N VAL B 177 -12.49 27.84 1.17
CA VAL B 177 -11.59 28.94 0.95
C VAL B 177 -12.20 30.20 1.56
N ASN B 178 -11.44 30.85 2.44
CA ASN B 178 -11.80 32.15 3.03
C ASN B 178 -11.03 33.32 2.46
N GLY B 179 -11.73 34.39 2.11
CA GLY B 179 -11.09 35.55 1.54
C GLY B 179 -10.67 36.50 2.63
N VAL B 180 -9.35 36.72 2.72
CA VAL B 180 -8.76 37.50 3.80
C VAL B 180 -8.49 38.94 3.34
N ALA B 181 -7.96 39.10 2.12
CA ALA B 181 -7.62 40.42 1.57
C ALA B 181 -7.73 40.42 0.05
N GLU B 182 -8.13 41.55 -0.54
CA GLU B 182 -8.31 41.62 -2.00
C GLU B 182 -7.01 41.29 -2.73
N GLY B 183 -7.16 40.57 -3.84
CA GLY B 183 -6.00 40.05 -4.59
C GLY B 183 -6.24 38.65 -5.10
N SER B 184 -5.15 38.01 -5.53
CA SER B 184 -5.23 36.70 -6.14
C SER B 184 -4.12 35.79 -5.64
N THR B 185 -4.38 34.48 -5.69
CA THR B 185 -3.42 33.47 -5.27
C THR B 185 -3.96 32.10 -5.67
N THR B 186 -3.25 31.04 -5.31
CA THR B 186 -3.55 29.70 -5.81
C THR B 186 -3.61 28.67 -4.67
N ILE B 187 -4.59 27.78 -4.77
CA ILE B 187 -4.76 26.67 -3.85
C ILE B 187 -4.07 25.48 -4.50
N THR B 188 -3.28 24.73 -3.75
CA THR B 188 -2.82 23.46 -4.33
C THR B 188 -3.31 22.26 -3.51
N ILE B 189 -3.68 21.19 -4.22
CA ILE B 189 -4.29 20.00 -3.65
C ILE B 189 -3.45 18.77 -3.99
N LYS B 190 -2.82 18.15 -3.00
CA LYS B 190 -1.98 16.98 -3.20
C LYS B 190 -2.67 15.78 -2.65
N SER B 191 -2.43 14.66 -3.31
CA SER B 191 -2.81 13.38 -2.81
C SER B 191 -1.83 12.44 -3.46
N GLY B 192 -1.20 11.58 -2.65
CA GLY B 192 -0.15 10.69 -3.13
C GLY B 192 0.87 11.49 -3.94
N THR B 193 1.13 11.01 -5.15
CA THR B 193 2.14 11.67 -5.97
C THR B 193 1.53 12.59 -7.02
N LYS B 194 0.24 12.89 -6.88
CA LYS B 194 -0.44 13.80 -7.81
C LYS B 194 -0.89 15.07 -7.12
N GLU B 195 -1.21 16.08 -7.94
CA GLU B 195 -1.40 17.48 -7.54
C GLU B 195 -2.25 18.24 -8.54
N VAL B 196 -3.13 19.10 -8.03
CA VAL B 196 -3.97 19.98 -8.82
C VAL B 196 -3.86 21.39 -8.23
N LYS B 197 -3.90 22.38 -9.10
CA LYS B 197 -3.90 23.75 -8.69
C LYS B 197 -5.18 24.41 -9.14
N VAL B 198 -5.80 25.15 -8.22
CA VAL B 198 -7.04 25.90 -8.49
C VAL B 198 -6.76 27.38 -8.18
N PRO B 199 -7.12 28.29 -9.09
CA PRO B 199 -6.94 29.74 -8.85
C PRO B 199 -7.98 30.38 -7.97
N VAL B 200 -7.54 31.43 -7.26
CA VAL B 200 -8.40 32.16 -6.32
C VAL B 200 -8.30 33.69 -6.52
N ASN B 201 -9.46 34.31 -6.69
CA ASN B 201 -9.61 35.75 -6.66
C ASN B 201 -10.51 36.23 -5.54
N VAL B 202 -9.92 37.09 -4.71
CA VAL B 202 -10.58 37.67 -3.57
C VAL B 202 -11.01 39.11 -3.90
N VAL B 203 -12.31 39.35 -3.87
CA VAL B 203 -12.90 40.65 -4.30
C VAL B 203 -13.53 41.42 -3.14
N ALA B 204 -13.86 42.69 -3.39
CA ALA B 204 -14.52 43.55 -2.39
C ALA B 204 -15.95 43.10 -2.12
#